data_6MR1
#
_entry.id   6MR1
#
_cell.length_a   28.900
_cell.length_b   73.560
_cell.length_c   76.570
_cell.angle_alpha   90.00
_cell.angle_beta   90.00
_cell.angle_gamma   90.00
#
_symmetry.space_group_name_H-M   'P 21 21 21'
#
loop_
_entity.id
_entity.type
_entity.pdbx_description
1 polymer 'Carbon dioxide concentrating mechanism protein'
2 non-polymer 'COBALT (II) ION'
3 non-polymer 'SULFATE ION'
4 non-polymer 'CHLORIDE ION'
5 non-polymer 'THIOCYANATE ION'
6 water water
#
_entity_poly.entity_id   1
_entity_poly.type   'polypeptide(L)'
_entity_poly.pdbx_seq_one_letter_code
;MANTMTTDYGTHVRQLLQQGYQISLEYADARRYRTSSWQSGPTLTGQQESQVMAAIAQLLKEHEGEYVRLIGVDPKAKRR
VFEEIIQRPGQAAVAS
;
_entity_poly.pdbx_strand_id   A,B
#
loop_
_chem_comp.id
_chem_comp.type
_chem_comp.name
_chem_comp.formula
CL non-polymer 'CHLORIDE ION' 'Cl -1'
CO non-polymer 'COBALT (II) ION' 'Co 2'
SCN non-polymer 'THIOCYANATE ION' 'C N S -1'
SO4 non-polymer 'SULFATE ION' 'O4 S -2'
#
# COMPACT_ATOMS: atom_id res chain seq x y z
N ASN A 3 25.48 17.46 -6.79
CA ASN A 3 24.17 16.91 -6.45
C ASN A 3 23.14 18.01 -6.15
N THR A 4 21.94 17.58 -5.86
CA THR A 4 20.84 18.48 -5.61
C THR A 4 20.25 18.14 -4.24
N MET A 5 19.47 19.07 -3.71
CA MET A 5 18.76 18.84 -2.47
CA MET A 5 18.75 18.82 -2.47
C MET A 5 17.37 18.33 -2.84
N THR A 6 17.00 17.13 -2.38
CA THR A 6 15.72 16.56 -2.70
C THR A 6 15.02 16.09 -1.44
N THR A 7 13.71 15.91 -1.55
CA THR A 7 12.95 15.29 -0.48
C THR A 7 12.65 13.83 -0.83
N ASP A 8 12.03 13.12 0.09
CA ASP A 8 11.78 11.66 -0.05
CA ASP A 8 11.77 11.68 -0.07
C ASP A 8 10.36 11.52 -0.60
N TYR A 9 10.20 11.96 -1.88
CA TYR A 9 8.92 12.21 -2.55
C TYR A 9 8.18 10.94 -2.98
N GLY A 10 8.84 9.77 -2.96
CA GLY A 10 8.16 8.56 -3.32
C GLY A 10 6.95 8.29 -2.49
N THR A 11 6.98 8.66 -1.20
CA THR A 11 5.83 8.35 -0.35
CA THR A 11 5.83 8.35 -0.36
C THR A 11 4.62 9.15 -0.83
N HIS A 12 4.83 10.38 -1.26
CA HIS A 12 3.73 11.20 -1.72
C HIS A 12 3.22 10.74 -3.08
N VAL A 13 4.13 10.37 -4.00
CA VAL A 13 3.69 9.81 -5.28
C VAL A 13 2.79 8.64 -5.04
N ARG A 14 3.20 7.72 -4.18
CA ARG A 14 2.39 6.53 -3.90
CA ARG A 14 2.38 6.54 -3.95
C ARG A 14 1.05 6.91 -3.29
N GLN A 15 1.03 7.84 -2.37
CA GLN A 15 -0.24 8.21 -1.74
C GLN A 15 -1.17 8.90 -2.74
N LEU A 16 -0.63 9.75 -3.60
CA LEU A 16 -1.46 10.40 -4.61
C LEU A 16 -2.03 9.40 -5.59
N LEU A 17 -1.22 8.50 -6.07
CA LEU A 17 -1.75 7.47 -6.95
C LEU A 17 -2.80 6.62 -6.27
N GLN A 18 -2.55 6.20 -5.04
CA GLN A 18 -3.49 5.32 -4.34
C GLN A 18 -4.82 6.00 -4.06
N GLN A 19 -4.81 7.30 -3.82
CA GLN A 19 -6.01 8.04 -3.52
C GLN A 19 -6.70 8.56 -4.79
N GLY A 20 -6.10 8.37 -5.97
CA GLY A 20 -6.72 8.79 -7.21
C GLY A 20 -6.58 10.24 -7.53
N TYR A 21 -5.47 10.87 -7.14
CA TYR A 21 -5.21 12.24 -7.50
C TYR A 21 -4.28 12.28 -8.70
N GLN A 22 -4.41 13.30 -9.48
CA GLN A 22 -3.59 13.48 -10.68
C GLN A 22 -2.27 14.12 -10.34
N ILE A 23 -1.21 13.56 -10.83
CA ILE A 23 0.14 14.05 -10.61
C ILE A 23 0.58 14.94 -11.75
N SER A 24 1.18 16.06 -11.38
CA SER A 24 1.86 16.94 -12.33
C SER A 24 3.03 17.58 -11.60
N LEU A 25 3.90 18.26 -12.36
CA LEU A 25 5.04 18.96 -11.79
C LEU A 25 5.23 20.30 -12.49
N GLU A 26 5.98 21.18 -11.85
CA GLU A 26 6.40 22.48 -12.41
C GLU A 26 7.81 22.78 -11.92
N TYR A 27 8.48 23.72 -12.61
CA TYR A 27 9.89 23.98 -12.34
C TYR A 27 10.16 25.46 -12.39
N ALA A 28 11.30 25.80 -11.84
CA ALA A 28 11.73 27.20 -11.84
C ALA A 28 13.23 27.28 -11.68
N ASP A 29 13.85 28.21 -12.43
CA ASP A 29 15.22 28.61 -12.17
C ASP A 29 15.20 29.62 -11.03
N ALA A 30 16.38 30.12 -10.65
CA ALA A 30 16.46 31.02 -9.51
C ALA A 30 15.65 32.29 -9.72
N ARG A 31 15.69 32.85 -10.94
CA ARG A 31 14.95 34.07 -11.23
C ARG A 31 13.46 33.83 -11.07
N ARG A 32 12.96 32.73 -11.63
CA ARG A 32 11.53 32.46 -11.56
CA ARG A 32 11.53 32.48 -11.55
C ARG A 32 11.11 32.01 -10.17
N TYR A 33 11.96 31.27 -9.47
CA TYR A 33 11.63 30.90 -8.10
C TYR A 33 11.46 32.15 -7.24
N ARG A 34 12.37 33.13 -7.43
CA ARG A 34 12.39 34.36 -6.66
CA ARG A 34 12.37 34.35 -6.64
C ARG A 34 11.07 35.13 -6.79
N THR A 35 10.37 34.95 -7.90
CA THR A 35 9.10 35.63 -8.13
C THR A 35 7.90 34.67 -8.17
N SER A 36 8.08 33.40 -7.79
CA SER A 36 7.03 32.37 -7.78
C SER A 36 6.35 32.20 -9.14
N SER A 37 7.14 32.32 -10.21
CA SER A 37 6.62 32.21 -11.56
C SER A 37 7.04 30.86 -12.11
N TRP A 38 6.43 29.83 -11.55
CA TRP A 38 6.77 28.46 -11.94
C TRP A 38 6.40 28.25 -13.41
N GLN A 39 7.19 27.41 -14.07
CA GLN A 39 6.94 27.04 -15.45
CA GLN A 39 6.96 27.03 -15.45
C GLN A 39 6.32 25.65 -15.50
N SER A 40 5.40 25.46 -16.42
CA SER A 40 4.62 24.23 -16.48
C SER A 40 5.47 23.02 -16.87
N GLY A 41 5.32 21.94 -16.10
CA GLY A 41 5.86 20.69 -16.41
C GLY A 41 4.80 19.72 -16.82
N PRO A 42 5.12 18.42 -16.79
CA PRO A 42 4.22 17.45 -17.35
C PRO A 42 3.14 17.08 -16.37
N THR A 43 2.06 16.58 -16.96
CA THR A 43 1.01 15.82 -16.26
C THR A 43 1.24 14.36 -16.56
N LEU A 44 1.48 13.59 -15.54
CA LEU A 44 1.92 12.20 -15.70
C LEU A 44 0.72 11.29 -15.66
N THR A 45 0.40 10.70 -16.82
CA THR A 45 -0.81 9.90 -17.03
C THR A 45 -0.71 8.51 -16.45
N GLY A 46 0.49 7.99 -16.23
CA GLY A 46 0.60 6.63 -15.73
C GLY A 46 -0.06 6.53 -14.37
N GLN A 47 -0.59 5.37 -14.06
CA GLN A 47 -1.04 5.08 -12.71
C GLN A 47 -0.16 4.02 -12.08
N GLN A 48 0.90 3.61 -12.78
CA GLN A 48 1.84 2.64 -12.26
C GLN A 48 2.92 3.44 -11.54
N GLU A 49 3.04 3.15 -10.26
CA GLU A 49 4.02 3.85 -9.43
CA GLU A 49 4.02 3.86 -9.44
C GLU A 49 5.42 3.80 -10.04
N SER A 50 5.82 2.64 -10.58
CA SER A 50 7.18 2.56 -11.13
C SER A 50 7.37 3.47 -12.33
N GLN A 51 6.33 3.62 -13.17
CA GLN A 51 6.45 4.46 -14.36
C GLN A 51 6.52 5.93 -13.98
N VAL A 52 5.69 6.36 -13.01
CA VAL A 52 5.70 7.73 -12.53
C VAL A 52 7.04 8.07 -11.89
N MET A 53 7.54 7.16 -11.04
CA MET A 53 8.82 7.41 -10.37
C MET A 53 9.96 7.47 -11.38
N ALA A 54 9.94 6.61 -12.39
CA ALA A 54 10.96 6.72 -13.42
C ALA A 54 10.88 8.06 -14.15
N ALA A 55 9.67 8.51 -14.50
CA ALA A 55 9.51 9.79 -15.16
C ALA A 55 10.04 10.92 -14.29
N ILE A 56 9.72 10.91 -12.99
CA ILE A 56 10.16 11.99 -12.12
C ILE A 56 11.68 11.98 -12.01
N ALA A 57 12.29 10.80 -11.96
CA ALA A 57 13.76 10.77 -11.86
C ALA A 57 14.40 11.40 -13.08
N GLN A 58 13.83 11.19 -14.26
CA GLN A 58 14.45 11.82 -15.45
C GLN A 58 14.30 13.33 -15.40
N LEU A 59 13.12 13.76 -15.01
CA LEU A 59 12.81 15.15 -14.85
CA LEU A 59 12.81 15.19 -14.86
C LEU A 59 13.76 15.86 -13.88
N LEU A 60 14.01 15.25 -12.72
CA LEU A 60 14.87 15.88 -11.74
C LEU A 60 16.29 15.97 -12.26
N LYS A 61 16.71 14.98 -13.04
CA LYS A 61 18.02 15.04 -13.66
C LYS A 61 18.12 16.19 -14.68
N GLU A 62 17.07 16.41 -15.50
CA GLU A 62 17.07 17.52 -16.43
C GLU A 62 17.12 18.87 -15.72
N HIS A 63 16.50 19.00 -14.54
CA HIS A 63 16.38 20.23 -13.80
C HIS A 63 17.37 20.32 -12.66
N GLU A 64 18.48 19.59 -12.73
CA GLU A 64 19.51 19.76 -11.72
CA GLU A 64 19.55 19.75 -11.74
C GLU A 64 19.97 21.20 -11.72
N GLY A 65 20.05 21.79 -10.54
CA GLY A 65 20.39 23.18 -10.40
C GLY A 65 19.18 24.06 -10.35
N GLU A 66 18.00 23.51 -10.58
CA GLU A 66 16.76 24.26 -10.54
C GLU A 66 15.85 23.71 -9.46
N TYR A 67 14.69 24.34 -9.32
CA TYR A 67 13.66 23.92 -8.39
C TYR A 67 12.56 23.14 -9.10
N VAL A 68 12.03 22.11 -8.46
CA VAL A 68 10.94 21.33 -9.02
C VAL A 68 9.91 21.13 -7.92
N ARG A 69 8.64 21.35 -8.25
CA ARG A 69 7.52 21.17 -7.34
C ARG A 69 6.61 20.07 -7.88
N LEU A 70 6.31 19.11 -7.02
CA LEU A 70 5.37 18.02 -7.29
C LEU A 70 3.99 18.49 -6.85
N ILE A 71 3.01 18.20 -7.68
CA ILE A 71 1.65 18.71 -7.51
C ILE A 71 0.70 17.51 -7.56
N GLY A 72 -0.28 17.48 -6.65
CA GLY A 72 -1.42 16.59 -6.76
C GLY A 72 -2.67 17.43 -6.95
N VAL A 73 -3.54 16.99 -7.86
CA VAL A 73 -4.79 17.67 -8.18
C VAL A 73 -5.97 16.72 -8.06
N ASP A 74 -7.06 17.25 -7.52
CA ASP A 74 -8.35 16.55 -7.51
C ASP A 74 -8.91 16.64 -8.93
N PRO A 75 -9.08 15.52 -9.62
CA PRO A 75 -9.51 15.59 -11.01
C PRO A 75 -10.88 16.17 -11.17
N LYS A 76 -11.73 16.01 -10.18
CA LYS A 76 -13.10 16.51 -10.30
C LYS A 76 -13.14 18.01 -10.03
N ALA A 77 -12.53 18.45 -8.94
CA ALA A 77 -12.58 19.87 -8.58
C ALA A 77 -11.54 20.70 -9.31
N LYS A 78 -10.49 20.06 -9.85
CA LYS A 78 -9.42 20.77 -10.53
C LYS A 78 -8.70 21.73 -9.63
N ARG A 79 -8.61 21.42 -8.37
CA ARG A 79 -7.82 22.16 -7.40
C ARG A 79 -6.69 21.29 -6.86
N ARG A 80 -5.63 21.97 -6.44
CA ARG A 80 -4.47 21.31 -5.88
C ARG A 80 -4.74 20.81 -4.47
N VAL A 81 -4.44 19.56 -4.22
CA VAL A 81 -4.53 18.94 -2.90
C VAL A 81 -3.18 18.73 -2.28
N PHE A 82 -2.11 18.86 -3.07
CA PHE A 82 -0.76 18.55 -2.61
C PHE A 82 0.21 19.40 -3.40
N GLU A 83 1.21 19.95 -2.71
CA GLU A 83 2.34 20.60 -3.33
C GLU A 83 3.55 20.38 -2.46
N GLU A 84 4.69 20.04 -3.07
CA GLU A 84 5.95 19.97 -2.32
C GLU A 84 7.07 20.32 -3.27
N ILE A 85 7.98 21.16 -2.81
CA ILE A 85 9.24 21.34 -3.53
C ILE A 85 10.13 20.13 -3.26
N ILE A 86 10.25 19.29 -4.30
CA ILE A 86 10.96 18.04 -4.17
C ILE A 86 12.41 18.12 -4.57
N GLN A 87 12.82 19.20 -5.23
CA GLN A 87 14.21 19.42 -5.57
C GLN A 87 14.51 20.91 -5.56
N ARG A 88 15.65 21.24 -4.95
CA ARG A 88 16.19 22.58 -4.92
CA ARG A 88 16.20 22.58 -4.88
C ARG A 88 17.63 22.51 -5.36
N PRO A 89 18.22 23.63 -5.74
CA PRO A 89 19.66 23.61 -6.06
C PRO A 89 20.47 23.16 -4.85
N GLY A 90 21.46 22.32 -5.10
CA GLY A 90 22.37 21.92 -4.02
C GLY A 90 23.59 22.78 -4.00
N THR B 4 -0.53 -31.42 4.80
CA THR B 4 -1.51 -30.41 4.37
C THR B 4 -1.11 -29.73 3.08
N MET B 5 -2.02 -28.94 2.53
CA MET B 5 -1.76 -28.08 1.39
CA MET B 5 -1.74 -28.07 1.39
C MET B 5 -1.93 -26.65 1.86
N THR B 6 -0.95 -25.80 1.62
CA THR B 6 -1.01 -24.44 2.08
C THR B 6 -0.64 -23.49 0.97
N THR B 7 -1.00 -22.22 1.14
CA THR B 7 -0.58 -21.17 0.26
C THR B 7 0.55 -20.36 0.89
N ASP B 8 1.05 -19.43 0.09
CA ASP B 8 2.21 -18.61 0.50
C ASP B 8 1.69 -17.25 0.92
N TYR B 9 1.11 -17.22 2.12
CA TYR B 9 0.26 -16.12 2.57
C TYR B 9 1.02 -14.99 3.24
N GLY B 10 2.31 -15.09 3.45
CA GLY B 10 3.02 -13.98 4.06
C GLY B 10 2.87 -12.64 3.37
N THR B 11 2.87 -12.63 2.03
CA THR B 11 2.68 -11.38 1.29
CA THR B 11 2.70 -11.36 1.33
C THR B 11 1.38 -10.72 1.71
N HIS B 12 0.33 -11.52 1.88
CA HIS B 12 -0.97 -10.97 2.26
C HIS B 12 -0.97 -10.46 3.69
N VAL B 13 -0.30 -11.16 4.60
CA VAL B 13 -0.15 -10.66 5.96
C VAL B 13 0.54 -9.31 5.97
N ARG B 14 1.62 -9.19 5.21
CA ARG B 14 2.33 -7.92 5.15
CA ARG B 14 2.34 -7.92 5.13
C ARG B 14 1.43 -6.82 4.61
N GLN B 15 0.67 -7.11 3.53
CA GLN B 15 -0.23 -6.11 2.94
C GLN B 15 -1.24 -5.65 3.97
N LEU B 16 -1.84 -6.61 4.66
CA LEU B 16 -2.87 -6.28 5.63
C LEU B 16 -2.30 -5.46 6.77
N LEU B 17 -1.11 -5.81 7.26
CA LEU B 17 -0.49 -4.96 8.28
C LEU B 17 -0.19 -3.58 7.74
N GLN B 18 0.37 -3.50 6.54
CA GLN B 18 0.75 -2.21 5.94
CA GLN B 18 0.77 -2.20 6.01
C GLN B 18 -0.43 -1.25 5.91
N GLN B 19 -1.60 -1.79 5.59
CA GLN B 19 -2.81 -1.00 5.39
C GLN B 19 -3.62 -0.85 6.68
N GLY B 20 -3.18 -1.42 7.78
CA GLY B 20 -3.89 -1.30 9.04
C GLY B 20 -5.14 -2.13 9.15
N TYR B 21 -5.28 -3.18 8.35
CA TYR B 21 -6.48 -3.99 8.42
CA TYR B 21 -6.49 -3.97 8.40
C TYR B 21 -6.39 -4.99 9.55
N GLN B 22 -7.55 -5.41 10.04
CA GLN B 22 -7.65 -6.41 11.09
CA GLN B 22 -7.65 -6.41 11.09
C GLN B 22 -7.46 -7.79 10.47
N ILE B 23 -6.65 -8.63 11.10
CA ILE B 23 -6.33 -9.97 10.63
C ILE B 23 -6.96 -10.99 11.54
N SER B 24 -7.62 -11.98 10.96
CA SER B 24 -8.22 -13.05 11.73
C SER B 24 -8.26 -14.32 10.90
N LEU B 25 -8.60 -15.42 11.58
CA LEU B 25 -8.77 -16.67 10.89
CA LEU B 25 -8.70 -16.75 10.99
C LEU B 25 -10.07 -17.33 11.28
N GLU B 26 -10.52 -18.21 10.40
CA GLU B 26 -11.67 -19.04 10.68
C GLU B 26 -11.36 -20.43 10.13
N TYR B 27 -12.13 -21.43 10.57
CA TYR B 27 -11.77 -22.84 10.36
CA TYR B 27 -11.75 -22.79 10.21
C TYR B 27 -12.98 -23.68 10.04
N ALA B 28 -12.76 -24.80 9.38
CA ALA B 28 -13.84 -25.73 9.08
C ALA B 28 -13.28 -27.13 8.92
N ASP B 29 -13.89 -28.06 9.62
CA ASP B 29 -13.67 -29.46 9.28
CA ASP B 29 -13.69 -29.46 9.29
C ASP B 29 -14.45 -29.77 8.00
N ALA B 30 -14.35 -31.01 7.53
CA ALA B 30 -14.95 -31.37 6.26
C ALA B 30 -16.46 -31.18 6.27
N ARG B 31 -17.12 -31.49 7.39
CA ARG B 31 -18.56 -31.30 7.50
CA ARG B 31 -18.56 -31.28 7.55
C ARG B 31 -18.92 -29.83 7.37
N ARG B 32 -18.26 -28.99 8.17
CA ARG B 32 -18.52 -27.56 8.09
CA ARG B 32 -18.52 -27.56 8.09
C ARG B 32 -18.11 -26.99 6.75
N TYR B 33 -17.05 -27.51 6.14
CA TYR B 33 -16.64 -26.99 4.83
C TYR B 33 -17.72 -27.22 3.78
N ARG B 34 -18.29 -28.42 3.76
CA ARG B 34 -19.27 -28.70 2.74
CA ARG B 34 -19.32 -28.75 2.78
C ARG B 34 -20.47 -27.76 2.84
N THR B 35 -20.81 -27.29 4.04
CA THR B 35 -21.95 -26.37 4.22
C THR B 35 -21.53 -24.91 4.43
N SER B 36 -20.25 -24.58 4.24
CA SER B 36 -19.75 -23.22 4.50
C SER B 36 -20.11 -22.68 5.89
N SER B 37 -20.01 -23.53 6.90
CA SER B 37 -20.23 -23.12 8.29
C SER B 37 -18.89 -22.96 9.00
N TRP B 38 -18.20 -21.87 8.64
CA TRP B 38 -16.88 -21.60 9.20
C TRP B 38 -17.01 -21.23 10.67
N GLN B 39 -16.09 -21.75 11.48
CA GLN B 39 -16.02 -21.44 12.90
C GLN B 39 -15.04 -20.30 13.11
N SER B 40 -15.44 -19.29 13.88
CA SER B 40 -14.55 -18.17 14.08
C SER B 40 -13.34 -18.57 14.93
N GLY B 41 -12.20 -18.06 14.55
CA GLY B 41 -10.95 -18.30 15.23
C GLY B 41 -10.43 -16.99 15.75
N PRO B 42 -9.13 -16.88 15.88
CA PRO B 42 -8.55 -15.75 16.59
C PRO B 42 -8.48 -14.50 15.72
N THR B 43 -8.58 -13.39 16.41
CA THR B 43 -8.22 -12.09 15.85
C THR B 43 -6.81 -11.80 16.30
N LEU B 44 -5.95 -11.60 15.36
CA LEU B 44 -4.54 -11.61 15.63
C LEU B 44 -4.12 -10.21 15.94
N THR B 45 -3.69 -10.06 17.17
CA THR B 45 -3.43 -8.78 17.79
CA THR B 45 -3.44 -8.77 17.76
C THR B 45 -2.01 -8.30 17.54
N GLY B 46 -1.11 -9.18 17.11
CA GLY B 46 0.26 -8.76 16.92
C GLY B 46 0.35 -7.67 15.86
N GLN B 47 1.29 -6.76 16.05
CA GLN B 47 1.52 -5.70 15.09
C GLN B 47 2.80 -5.91 14.30
N GLN B 48 3.67 -6.80 14.74
CA GLN B 48 4.83 -7.20 13.98
C GLN B 48 4.47 -8.38 13.10
N GLU B 49 4.95 -8.33 11.88
CA GLU B 49 4.81 -9.44 10.95
CA GLU B 49 4.81 -9.44 10.95
C GLU B 49 5.27 -10.74 11.59
N SER B 50 6.40 -10.73 12.27
CA SER B 50 6.89 -11.97 12.85
C SER B 50 5.90 -12.57 13.83
N GLN B 51 5.27 -11.72 14.67
CA GLN B 51 4.29 -12.22 15.65
C GLN B 51 3.08 -12.78 14.95
N VAL B 52 2.56 -12.08 13.96
CA VAL B 52 1.36 -12.56 13.26
C VAL B 52 1.67 -13.86 12.52
N MET B 53 2.81 -13.93 11.82
CA MET B 53 3.15 -15.15 11.09
C MET B 53 3.35 -16.30 12.06
N ALA B 54 4.00 -16.07 13.21
CA ALA B 54 4.14 -17.15 14.16
C ALA B 54 2.80 -17.64 14.66
N ALA B 55 1.88 -16.73 14.92
CA ALA B 55 0.56 -17.10 15.40
C ALA B 55 -0.18 -17.90 14.36
N ILE B 56 -0.07 -17.53 13.09
CA ILE B 56 -0.77 -18.28 12.07
C ILE B 56 -0.18 -19.66 11.97
N ALA B 57 1.14 -19.76 12.01
CA ALA B 57 1.76 -21.07 11.87
C ALA B 57 1.34 -22.01 13.01
N GLN B 58 1.25 -21.47 14.22
CA GLN B 58 0.79 -22.25 15.36
C GLN B 58 -0.62 -22.73 15.14
N LEU B 59 -1.49 -21.85 14.71
CA LEU B 59 -2.87 -22.21 14.45
CA LEU B 59 -2.87 -22.24 14.51
C LEU B 59 -2.97 -23.28 13.39
N LEU B 60 -2.19 -23.15 12.33
CA LEU B 60 -2.29 -24.10 11.23
C LEU B 60 -1.85 -25.49 11.70
N LYS B 61 -0.85 -25.54 12.59
CA LYS B 61 -0.39 -26.80 13.12
C LYS B 61 -1.48 -27.46 13.96
N GLU B 62 -2.25 -26.67 14.69
CA GLU B 62 -3.32 -27.19 15.50
C GLU B 62 -4.52 -27.65 14.68
N HIS B 63 -4.63 -27.22 13.45
CA HIS B 63 -5.78 -27.46 12.60
C HIS B 63 -5.39 -28.25 11.37
N GLU B 64 -4.38 -29.09 11.48
CA GLU B 64 -4.04 -29.98 10.38
CA GLU B 64 -4.04 -29.98 10.38
C GLU B 64 -5.25 -30.83 10.05
N GLY B 65 -5.49 -31.01 8.76
CA GLY B 65 -6.65 -31.80 8.40
C GLY B 65 -7.95 -31.03 8.41
N GLU B 66 -7.93 -29.74 8.75
CA GLU B 66 -9.07 -28.86 8.55
C GLU B 66 -8.69 -27.81 7.52
N TYR B 67 -9.71 -27.12 7.07
CA TYR B 67 -9.58 -25.95 6.24
C TYR B 67 -9.43 -24.72 7.12
N VAL B 68 -8.57 -23.82 6.71
CA VAL B 68 -8.37 -22.56 7.46
C VAL B 68 -8.37 -21.41 6.47
N ARG B 69 -9.14 -20.36 6.79
CA ARG B 69 -9.25 -19.17 5.97
C ARG B 69 -8.70 -17.97 6.70
N LEU B 70 -7.80 -17.26 6.04
CA LEU B 70 -7.24 -16.00 6.51
C LEU B 70 -8.11 -14.87 6.02
N ILE B 71 -8.44 -13.96 6.93
CA ILE B 71 -9.38 -12.89 6.65
CA ILE B 71 -9.43 -12.89 6.76
C ILE B 71 -8.76 -11.55 7.02
N GLY B 72 -9.03 -10.55 6.17
CA GLY B 72 -8.71 -9.19 6.47
C GLY B 72 -9.97 -8.35 6.49
N VAL B 73 -10.10 -7.46 7.49
CA VAL B 73 -11.29 -6.65 7.70
C VAL B 73 -10.90 -5.19 7.79
N ASP B 74 -11.65 -4.34 7.12
CA ASP B 74 -11.50 -2.91 7.25
C ASP B 74 -12.10 -2.55 8.60
N PRO B 75 -11.31 -2.04 9.55
CA PRO B 75 -11.85 -1.70 10.87
C PRO B 75 -12.93 -0.65 10.84
N LYS B 76 -12.86 0.30 9.90
CA LYS B 76 -13.89 1.33 9.84
C LYS B 76 -15.21 0.77 9.34
N ALA B 77 -15.17 0.04 8.23
CA ALA B 77 -16.36 -0.46 7.57
C ALA B 77 -16.86 -1.77 8.17
N LYS B 78 -15.99 -2.51 8.86
CA LYS B 78 -16.33 -3.81 9.42
C LYS B 78 -16.78 -4.76 8.33
N ARG B 79 -16.16 -4.64 7.17
N ARG B 79 -16.11 -4.69 7.21
CA ARG B 79 -16.39 -5.55 6.06
CA ARG B 79 -16.36 -5.56 6.09
C ARG B 79 -15.08 -6.19 5.63
C ARG B 79 -15.07 -6.20 5.62
N ARG B 80 -15.19 -7.38 5.05
CA ARG B 80 -14.02 -8.13 4.64
C ARG B 80 -13.44 -7.61 3.35
N VAL B 81 -12.13 -7.37 3.36
CA VAL B 81 -11.42 -6.93 2.18
C VAL B 81 -10.55 -8.02 1.61
N PHE B 82 -10.35 -9.10 2.36
CA PHE B 82 -9.47 -10.16 1.94
C PHE B 82 -9.94 -11.46 2.57
N GLU B 83 -9.94 -12.54 1.75
CA GLU B 83 -10.20 -13.89 2.25
C GLU B 83 -9.39 -14.85 1.41
N GLU B 84 -8.67 -15.78 2.05
CA GLU B 84 -7.99 -16.81 1.29
C GLU B 84 -7.95 -18.07 2.13
N ILE B 85 -8.26 -19.20 1.53
CA ILE B 85 -8.08 -20.50 2.19
C ILE B 85 -6.60 -20.79 2.13
N ILE B 86 -5.96 -20.69 3.27
CA ILE B 86 -4.52 -20.83 3.39
C ILE B 86 -4.07 -22.22 3.72
N GLN B 87 -4.98 -23.08 4.16
CA GLN B 87 -4.67 -24.47 4.48
C GLN B 87 -5.88 -25.28 4.13
N ARG B 88 -5.61 -26.43 3.53
CA ARG B 88 -6.59 -27.46 3.21
C ARG B 88 -6.03 -28.80 3.61
N PRO B 89 -6.88 -29.76 3.90
CA PRO B 89 -6.39 -31.13 4.16
C PRO B 89 -5.57 -31.74 3.03
CO CO C . 7.09 15.32 2.25
S SO4 D . 6.92 18.99 5.85
O1 SO4 D . 6.89 18.92 7.32
O2 SO4 D . 7.60 20.15 5.43
O3 SO4 D . 5.55 19.00 5.26
O4 SO4 D . 7.58 17.77 5.33
CL CL E . 4.17 8.22 -16.00
CO CO F . -2.64 -15.49 -2.33
CO CO G . -3.06 -22.83 20.37
S SCN H . -0.78 -23.15 24.32
C SCN H . -1.36 -22.91 22.76
N SCN H . -1.69 -22.66 21.70
S SCN I . -4.39 -18.49 18.77
C SCN I . -3.84 -20.14 19.16
N SCN I . -3.52 -21.16 19.61
S SO4 J . -5.66 -16.75 -6.50
O1 SO4 J . -4.30 -16.79 -5.95
O2 SO4 J . -6.29 -15.56 -5.90
O3 SO4 J . -5.61 -16.66 -7.96
O4 SO4 J . -6.43 -17.94 -6.13
#